data_3LK5
#
_entry.id   3LK5
#
_cell.length_a   125.434
_cell.length_b   125.434
_cell.length_c   52.067
_cell.angle_alpha   90.000
_cell.angle_beta   90.000
_cell.angle_gamma   120.000
#
_symmetry.space_group_name_H-M   'P 31 2 1'
#
loop_
_entity.id
_entity.type
_entity.pdbx_description
1 polymer 'Geranylgeranyl pyrophosphate synthase'
2 non-polymer GLYCEROL
3 water water
#
_entity_poly.entity_id   1
_entity_poly.type   'polypeptide(L)'
_entity_poly.pdbx_seq_one_letter_code
;(MSE)SLKDVSLSSFDAHDLDLDKFPEVVRDRLTQFLDAQELTIADIGAPVTDAVAHLRSFVLNGGKRIRPLYAWAGFLA
AQGHKNSSEKLESVLDAAASLEFIQACALIHDDIIDSSDTRRGAPTVHRAVEADHRANNFEGDPEHFGVSVSILAGD
(MSE)ALVWAED(MSE)LQDSGLSAEALARTRDAWRG(MSE)RTEVIGGQLLDIYLESHANESVELADSVNRFKTAAYTI
ARPLHLGASIAGGSPQLIDALLHYGHDIGIAFQLRDDLLGVFGDPAITGKPAGDDIREGKRTVLLALALQRADKQSPEAA
TAIRAGVGKVTSPEDIAVITEHIRATGAEEEVEQRISQLTESGLAHLDDVDIPDEVRAQLRALAIRSTERREGHHHHHH
;
_entity_poly.pdbx_strand_id   A
#
# COMPACT_ATOMS: atom_id res chain seq x y z
N SER A 9 -12.01 -6.01 22.76
CA SER A 9 -11.55 -4.65 22.39
C SER A 9 -10.89 -3.99 23.60
N SER A 10 -10.25 -4.80 24.45
CA SER A 10 -9.45 -4.24 25.51
C SER A 10 -7.96 -4.22 25.15
N PHE A 11 -7.59 -3.25 24.32
CA PHE A 11 -6.20 -2.97 23.98
C PHE A 11 -5.85 -1.54 24.45
N ASP A 12 -4.57 -1.18 24.47
CA ASP A 12 -4.16 0.16 24.90
C ASP A 12 -4.49 1.22 23.81
N ALA A 13 -5.40 2.14 24.18
CA ALA A 13 -5.95 3.16 23.29
C ALA A 13 -5.05 4.40 23.08
N HIS A 14 -3.87 4.40 23.71
CA HIS A 14 -2.94 5.54 23.62
C HIS A 14 -1.57 5.11 23.11
N ASP A 15 -1.41 3.80 22.93
CA ASP A 15 -0.12 3.30 22.44
C ASP A 15 -0.28 2.52 21.14
N LEU A 16 0.79 2.54 20.35
CA LEU A 16 0.83 1.90 19.04
C LEU A 16 1.54 0.53 19.14
N ASP A 17 0.77 -0.53 18.96
CA ASP A 17 1.30 -1.88 19.03
C ASP A 17 1.28 -2.48 17.63
N LEU A 18 2.43 -2.48 16.96
CA LEU A 18 2.49 -2.87 15.54
C LEU A 18 2.08 -4.30 15.34
N ASP A 19 2.56 -5.18 16.23
CA ASP A 19 2.33 -6.61 16.02
C ASP A 19 0.91 -7.09 16.28
N LYS A 20 0.20 -6.49 17.25
CA LYS A 20 -1.17 -6.95 17.57
C LYS A 20 -2.28 -6.19 16.81
N PHE A 21 -1.96 -5.01 16.26
CA PHE A 21 -3.02 -4.22 15.62
C PHE A 21 -3.79 -4.98 14.52
N PRO A 22 -3.11 -5.79 13.66
CA PRO A 22 -3.87 -6.52 12.62
C PRO A 22 -4.98 -7.40 13.19
N GLU A 23 -4.81 -7.90 14.42
CA GLU A 23 -5.86 -8.72 15.07
C GLU A 23 -7.11 -7.88 15.31
N VAL A 24 -6.90 -6.64 15.75
CA VAL A 24 -8.00 -5.71 15.99
C VAL A 24 -8.70 -5.40 14.65
N VAL A 25 -7.92 -5.19 13.60
CA VAL A 25 -8.50 -4.88 12.26
C VAL A 25 -9.38 -6.05 11.82
N ARG A 26 -8.88 -7.29 11.94
CA ARG A 26 -9.66 -8.48 11.58
C ARG A 26 -10.96 -8.57 12.35
N ASP A 27 -10.94 -8.26 13.66
CA ASP A 27 -12.19 -8.17 14.44
C ASP A 27 -13.19 -7.16 13.85
N ARG A 28 -12.72 -5.95 13.55
CA ARG A 28 -13.66 -4.93 13.02
C ARG A 28 -14.26 -5.39 11.67
N LEU A 29 -13.43 -5.96 10.81
CA LEU A 29 -13.88 -6.42 9.50
C LEU A 29 -14.86 -7.56 9.67
N THR A 30 -14.59 -8.46 10.63
CA THR A 30 -15.53 -9.56 10.93
C THR A 30 -16.90 -9.03 11.31
N GLN A 31 -16.93 -8.06 12.22
CA GLN A 31 -18.20 -7.51 12.64
C GLN A 31 -18.98 -6.88 11.48
N PHE A 32 -18.26 -6.20 10.61
CA PHE A 32 -18.92 -5.53 9.48
C PHE A 32 -19.52 -6.56 8.53
N LEU A 33 -18.70 -7.56 8.15
CA LEU A 33 -19.12 -8.62 7.25
C LEU A 33 -20.29 -9.43 7.79
N ASP A 34 -20.24 -9.77 9.07
CA ASP A 34 -21.38 -10.42 9.72
C ASP A 34 -22.67 -9.62 9.54
N ALA A 35 -22.57 -8.31 9.68
CA ALA A 35 -23.74 -7.46 9.65
C ALA A 35 -24.41 -7.38 8.27
N GLN A 36 -23.68 -7.71 7.21
CA GLN A 36 -24.22 -7.68 5.84
C GLN A 36 -24.94 -8.97 5.45
N GLU A 37 -24.80 -10.02 6.25
CA GLU A 37 -25.31 -11.33 5.84
C GLU A 37 -26.80 -11.38 5.51
N LEU A 38 -27.65 -10.82 6.38
CA LEU A 38 -29.09 -10.84 6.14
C LEU A 38 -29.50 -10.15 4.84
N THR A 39 -28.95 -8.95 4.61
CA THR A 39 -29.27 -8.20 3.38
C THR A 39 -28.85 -8.96 2.15
N ILE A 40 -27.67 -9.56 2.19
CA ILE A 40 -27.17 -10.32 1.05
C ILE A 40 -28.06 -11.56 0.81
N ALA A 41 -28.44 -12.24 1.90
CA ALA A 41 -29.32 -13.41 1.84
C ALA A 41 -30.71 -13.09 1.28
N ASP A 42 -31.26 -11.93 1.63
CA ASP A 42 -32.57 -11.45 1.05
C ASP A 42 -32.51 -11.34 -0.48
N ILE A 43 -31.30 -11.18 -1.04
CA ILE A 43 -31.08 -11.09 -2.50
C ILE A 43 -30.98 -12.47 -3.14
N GLY A 44 -30.17 -13.34 -2.56
CA GLY A 44 -30.19 -14.74 -3.01
C GLY A 44 -28.95 -15.51 -2.61
N ALA A 45 -29.06 -16.85 -2.62
CA ALA A 45 -27.94 -17.71 -2.22
C ALA A 45 -26.66 -17.53 -3.05
N PRO A 46 -26.76 -17.35 -4.38
CA PRO A 46 -25.50 -17.17 -5.13
C PRO A 46 -24.75 -15.90 -4.75
N VAL A 47 -25.50 -14.89 -4.26
CA VAL A 47 -24.88 -13.66 -3.80
C VAL A 47 -24.19 -13.90 -2.44
N THR A 48 -24.86 -14.64 -1.57
CA THR A 48 -24.19 -15.15 -0.34
C THR A 48 -22.91 -15.88 -0.68
N ASP A 49 -22.94 -16.77 -1.67
CA ASP A 49 -21.73 -17.52 -2.10
C ASP A 49 -20.61 -16.60 -2.61
N ALA A 50 -20.95 -15.61 -3.43
CA ALA A 50 -19.93 -14.64 -3.86
C ALA A 50 -19.34 -13.84 -2.70
N VAL A 51 -20.17 -13.38 -1.77
CA VAL A 51 -19.70 -12.55 -0.67
C VAL A 51 -18.87 -13.42 0.29
N ALA A 52 -19.21 -14.71 0.41
CA ALA A 52 -18.39 -15.64 1.23
C ALA A 52 -16.96 -15.67 0.77
N HIS A 53 -16.78 -15.64 -0.55
CA HIS A 53 -15.45 -15.62 -1.15
C HIS A 53 -14.74 -14.31 -0.88
N LEU A 54 -15.49 -13.21 -0.94
CA LEU A 54 -14.90 -11.91 -0.63
C LEU A 54 -14.51 -11.88 0.85
N ARG A 55 -15.39 -12.39 1.71
CA ARG A 55 -15.16 -12.46 3.15
C ARG A 55 -13.86 -13.21 3.47
N SER A 56 -13.68 -14.40 2.89
CA SER A 56 -12.45 -15.15 3.08
C SER A 56 -11.23 -14.35 2.65
N PHE A 57 -11.34 -13.67 1.50
CA PHE A 57 -10.21 -12.93 0.98
C PHE A 57 -9.80 -11.78 1.90
N VAL A 58 -10.80 -11.06 2.43
CA VAL A 58 -10.58 -9.88 3.28
C VAL A 58 -10.05 -10.32 4.65
N LEU A 59 -10.68 -11.37 5.20
CA LEU A 59 -10.31 -11.79 6.56
C LEU A 59 -8.99 -12.57 6.65
N ASN A 60 -8.65 -13.33 5.60
CA ASN A 60 -7.65 -14.41 5.78
C ASN A 60 -6.25 -14.12 5.34
N GLY A 61 -5.97 -12.86 5.09
CA GLY A 61 -4.59 -12.46 4.87
C GLY A 61 -4.55 -10.95 4.73
N GLY A 62 -3.34 -10.42 4.65
CA GLY A 62 -3.13 -8.99 4.61
C GLY A 62 -2.25 -8.58 5.78
N LYS A 63 -1.29 -7.68 5.56
CA LYS A 63 -0.48 -7.13 6.64
C LYS A 63 -1.20 -5.99 7.44
N ARG A 64 -2.30 -5.47 6.88
CA ARG A 64 -3.07 -4.37 7.51
C ARG A 64 -2.23 -3.08 7.72
N ILE A 65 -1.28 -2.83 6.83
CA ILE A 65 -0.35 -1.69 6.96
C ILE A 65 -1.12 -0.36 6.86
N ARG A 66 -2.18 -0.33 6.02
CA ARG A 66 -2.89 0.93 5.81
C ARG A 66 -3.72 1.31 7.03
N PRO A 67 -4.55 0.38 7.59
CA PRO A 67 -5.20 0.71 8.86
C PRO A 67 -4.20 1.00 9.95
N LEU A 68 -3.08 0.30 9.94
CA LEU A 68 -2.04 0.59 10.96
C LEU A 68 -1.52 2.04 10.89
N TYR A 69 -1.28 2.53 9.68
CA TYR A 69 -0.86 3.91 9.51
C TYR A 69 -1.96 4.91 9.84
N ALA A 70 -3.22 4.61 9.49
CA ALA A 70 -4.31 5.49 9.91
C ALA A 70 -4.37 5.60 11.45
N TRP A 71 -4.27 4.44 12.12
CA TRP A 71 -4.25 4.43 13.57
C TRP A 71 -3.09 5.22 14.17
N ALA A 72 -1.91 5.06 13.58
CA ALA A 72 -0.73 5.81 14.01
C ALA A 72 -0.91 7.29 13.81
N GLY A 73 -1.52 7.68 12.70
CA GLY A 73 -1.83 9.12 12.48
C GLY A 73 -2.77 9.70 13.52
N PHE A 74 -3.79 8.91 13.88
CA PHE A 74 -4.71 9.30 14.94
C PHE A 74 -3.96 9.47 16.26
N LEU A 75 -3.13 8.51 16.61
CA LEU A 75 -2.39 8.56 17.87
C LEU A 75 -1.38 9.74 17.87
N ALA A 76 -0.71 9.95 16.75
CA ALA A 76 0.23 11.06 16.63
C ALA A 76 -0.43 12.44 16.89
N ALA A 77 -1.66 12.61 16.43
CA ALA A 77 -2.41 13.86 16.57
C ALA A 77 -3.17 13.96 17.87
N GLN A 78 -3.49 12.82 18.44
CA GLN A 78 -4.43 12.81 19.55
C GLN A 78 -3.61 13.16 20.77
N GLY A 79 -2.29 12.95 20.66
CA GLY A 79 -1.34 13.30 21.73
C GLY A 79 -1.63 12.62 23.06
N HIS A 80 -1.20 13.26 24.15
CA HIS A 80 -1.44 12.75 25.52
C HIS A 80 -2.86 12.97 26.02
N LYS A 81 -3.75 13.44 25.13
CA LYS A 81 -5.15 13.75 25.47
C LYS A 81 -6.20 12.79 24.88
N ASN A 82 -7.46 13.17 25.07
CA ASN A 82 -8.61 12.40 24.64
C ASN A 82 -9.34 13.06 23.47
N SER A 83 -9.32 12.41 22.31
CA SER A 83 -10.29 12.69 21.26
C SER A 83 -11.67 12.31 21.82
N SER A 84 -12.72 13.03 21.41
CA SER A 84 -14.08 12.71 21.85
C SER A 84 -14.81 11.66 20.98
N GLU A 85 -14.15 11.18 19.94
CA GLU A 85 -14.73 10.13 19.08
C GLU A 85 -14.69 8.80 19.81
N LYS A 86 -15.68 7.95 19.56
CA LYS A 86 -15.67 6.58 20.09
C LYS A 86 -14.52 5.80 19.49
N LEU A 87 -13.86 5.02 20.34
CA LEU A 87 -12.73 4.22 19.88
C LEU A 87 -13.11 3.25 18.75
N GLU A 88 -14.26 2.60 18.91
CA GLU A 88 -14.74 1.66 17.93
C GLU A 88 -14.91 2.33 16.55
N SER A 89 -15.35 3.58 16.57
CA SER A 89 -15.57 4.34 15.30
C SER A 89 -14.25 4.66 14.62
N VAL A 90 -13.27 5.05 15.42
CA VAL A 90 -11.94 5.28 14.85
C VAL A 90 -11.38 4.02 14.26
N LEU A 91 -11.53 2.91 14.98
CA LEU A 91 -10.98 1.64 14.50
C LEU A 91 -11.70 1.17 13.23
N ASP A 92 -13.00 1.42 13.15
CA ASP A 92 -13.74 1.06 11.93
C ASP A 92 -13.32 1.91 10.74
N ALA A 93 -13.10 3.20 11.00
CA ALA A 93 -12.54 4.08 9.93
C ALA A 93 -11.21 3.57 9.43
N ALA A 94 -10.29 3.23 10.36
CA ALA A 94 -9.04 2.65 9.96
C ALA A 94 -9.18 1.35 9.17
N ALA A 95 -10.05 0.48 9.66
CA ALA A 95 -10.22 -0.85 9.06
C ALA A 95 -10.86 -0.79 7.68
N SER A 96 -11.67 0.25 7.43
CA SER A 96 -12.37 0.36 6.13
C SER A 96 -11.36 0.37 4.96
N LEU A 97 -10.13 0.84 5.22
CA LEU A 97 -9.08 0.80 4.21
C LEU A 97 -8.80 -0.58 3.65
N GLU A 98 -9.03 -1.63 4.45
CA GLU A 98 -8.87 -2.99 3.93
C GLU A 98 -9.84 -3.33 2.79
N PHE A 99 -11.02 -2.72 2.82
CA PHE A 99 -11.94 -2.95 1.68
C PHE A 99 -11.49 -2.26 0.40
N ILE A 100 -10.90 -1.08 0.53
CA ILE A 100 -10.30 -0.42 -0.64
C ILE A 100 -9.23 -1.33 -1.18
N GLN A 101 -8.38 -1.84 -0.28
CA GLN A 101 -7.29 -2.70 -0.73
C GLN A 101 -7.78 -4.00 -1.34
N ALA A 102 -8.85 -4.56 -0.77
CA ALA A 102 -9.43 -5.78 -1.35
C ALA A 102 -9.84 -5.50 -2.79
N CYS A 103 -10.53 -4.39 -3.04
CA CYS A 103 -10.94 -4.04 -4.42
C CYS A 103 -9.71 -3.90 -5.31
N ALA A 104 -8.73 -3.16 -4.83
CA ALA A 104 -7.50 -2.94 -5.59
C ALA A 104 -6.85 -4.28 -6.02
N LEU A 105 -6.73 -5.21 -5.08
CA LEU A 105 -6.06 -6.50 -5.37
C LEU A 105 -6.89 -7.37 -6.32
N ILE A 106 -8.21 -7.41 -6.09
CA ILE A 106 -9.10 -8.19 -6.93
C ILE A 106 -9.11 -7.65 -8.36
N HIS A 107 -9.31 -6.34 -8.51
CA HIS A 107 -9.25 -5.71 -9.83
C HIS A 107 -7.87 -5.78 -10.51
N ASP A 108 -6.80 -5.56 -9.73
CA ASP A 108 -5.42 -5.68 -10.27
C ASP A 108 -5.10 -7.11 -10.74
N ASP A 109 -5.66 -8.11 -10.05
CA ASP A 109 -5.55 -9.52 -10.46
C ASP A 109 -6.14 -9.78 -11.86
N ILE A 110 -7.28 -9.15 -12.16
CA ILE A 110 -7.92 -9.26 -13.48
C ILE A 110 -7.12 -8.54 -14.54
N ILE A 111 -6.63 -7.36 -14.15
CA ILE A 111 -5.79 -6.50 -14.98
C ILE A 111 -4.45 -7.18 -15.36
N ASP A 112 -3.82 -7.83 -14.39
CA ASP A 112 -2.54 -8.56 -14.59
C ASP A 112 -2.74 -10.01 -15.06
N SER A 113 -3.89 -10.30 -15.67
CA SER A 113 -4.13 -11.61 -16.28
C SER A 113 -5.16 -11.54 -17.40
N PHE A 143 -18.55 -16.04 -15.47
CA PHE A 143 -17.09 -15.97 -15.35
C PHE A 143 -16.64 -15.68 -13.92
N GLY A 144 -15.43 -16.14 -13.60
CA GLY A 144 -14.69 -15.73 -12.42
C GLY A 144 -14.21 -14.30 -12.62
N VAL A 145 -13.99 -13.88 -13.87
CA VAL A 145 -13.67 -12.49 -14.16
C VAL A 145 -14.88 -11.61 -13.82
N SER A 146 -16.08 -12.05 -14.21
CA SER A 146 -17.29 -11.30 -13.88
C SER A 146 -17.54 -11.21 -12.40
N VAL A 147 -17.43 -12.33 -11.70
CA VAL A 147 -17.64 -12.33 -10.25
C VAL A 147 -16.60 -11.47 -9.59
N SER A 148 -15.37 -11.52 -10.11
CA SER A 148 -14.25 -10.74 -9.53
C SER A 148 -14.48 -9.24 -9.67
N ILE A 149 -14.95 -8.80 -10.84
CA ILE A 149 -15.18 -7.37 -11.03
C ILE A 149 -16.22 -6.91 -10.01
N LEU A 150 -17.32 -7.67 -9.88
CA LEU A 150 -18.45 -7.23 -9.04
C LEU A 150 -18.07 -7.38 -7.55
N ALA A 151 -17.28 -8.41 -7.23
CA ALA A 151 -16.85 -8.57 -5.81
C ALA A 151 -16.00 -7.40 -5.40
N GLY A 152 -15.11 -6.99 -6.31
CA GLY A 152 -14.27 -5.81 -6.07
C GLY A 152 -15.14 -4.58 -5.90
N ASP A 153 -16.18 -4.45 -6.72
CA ASP A 153 -17.06 -3.28 -6.61
C ASP A 153 -17.80 -3.29 -5.26
N ALA A 155 -16.64 -4.55 -2.49
CA ALA A 155 -15.63 -4.15 -1.50
C ALA A 155 -15.50 -2.63 -1.49
N LEU A 156 -15.52 -2.02 -2.66
CA LEU A 156 -15.34 -0.57 -2.70
C LEU A 156 -16.53 0.19 -2.10
N VAL A 157 -17.75 -0.24 -2.39
CA VAL A 157 -18.92 0.38 -1.75
C VAL A 157 -18.95 0.12 -0.24
N TRP A 158 -18.49 -1.04 0.17
CA TRP A 158 -18.47 -1.32 1.62
C TRP A 158 -17.36 -0.56 2.36
N ALA A 159 -16.24 -0.28 1.67
CA ALA A 159 -15.23 0.64 2.28
C ALA A 159 -15.90 1.94 2.65
N GLU A 160 -16.68 2.50 1.71
CA GLU A 160 -17.33 3.78 1.93
C GLU A 160 -18.33 3.63 3.07
N ASP A 161 -19.17 2.58 3.01
CA ASP A 161 -20.20 2.39 4.08
C ASP A 161 -19.53 2.25 5.44
N LEU A 163 -16.78 3.40 6.58
CA LEU A 163 -16.44 4.75 7.05
C LEU A 163 -17.69 5.57 7.43
N GLN A 164 -18.66 5.69 6.52
CA GLN A 164 -19.79 6.61 6.76
C GLN A 164 -20.66 6.11 7.91
N ASP A 165 -20.68 4.80 8.13
CA ASP A 165 -21.51 4.18 9.18
C ASP A 165 -20.75 3.83 10.45
N SER A 166 -19.51 4.32 10.54
CA SER A 166 -18.58 3.98 11.63
C SER A 166 -19.05 4.50 12.98
N GLY A 167 -19.86 5.56 12.94
CA GLY A 167 -20.27 6.26 14.17
C GLY A 167 -19.36 7.43 14.49
N LEU A 168 -18.37 7.74 13.63
CA LEU A 168 -17.66 9.03 13.71
C LEU A 168 -18.69 10.16 13.69
N SER A 169 -18.44 11.20 14.46
CA SER A 169 -19.30 12.40 14.49
C SER A 169 -19.33 13.06 13.10
N ALA A 170 -20.38 13.84 12.85
CA ALA A 170 -20.45 14.65 11.62
C ALA A 170 -19.20 15.46 11.42
N GLU A 171 -18.68 16.07 12.51
CA GLU A 171 -17.49 16.92 12.41
C GLU A 171 -16.26 16.10 11.98
N ALA A 172 -16.08 14.95 12.60
CA ALA A 172 -14.97 14.05 12.25
C ALA A 172 -15.10 13.58 10.80
N LEU A 173 -16.30 13.19 10.38
CA LEU A 173 -16.51 12.80 8.96
C LEU A 173 -16.13 13.91 8.01
N ALA A 174 -16.56 15.13 8.31
CA ALA A 174 -16.18 16.25 7.48
C ALA A 174 -14.67 16.41 7.41
N ARG A 175 -13.98 16.18 8.53
CA ARG A 175 -12.52 16.37 8.54
C ARG A 175 -11.83 15.32 7.67
N THR A 176 -12.44 14.15 7.52
CA THR A 176 -11.86 13.06 6.71
C THR A 176 -11.82 13.38 5.20
N ARG A 177 -12.55 14.39 4.75
CA ARG A 177 -12.76 14.54 3.29
C ARG A 177 -11.45 14.66 2.50
N ASP A 178 -10.56 15.57 2.92
CA ASP A 178 -9.34 15.84 2.13
C ASP A 178 -8.51 14.57 1.93
N ALA A 179 -8.27 13.85 3.03
CA ALA A 179 -7.46 12.64 2.93
C ALA A 179 -8.17 11.56 2.16
N TRP A 180 -9.47 11.38 2.41
CA TRP A 180 -10.19 10.27 1.78
C TRP A 180 -10.46 10.56 0.30
N ARG A 181 -10.85 11.80 -0.02
CA ARG A 181 -11.01 12.18 -1.44
C ARG A 181 -9.65 12.04 -2.17
N GLY A 182 -8.58 12.56 -1.54
CA GLY A 182 -7.21 12.49 -2.16
C GLY A 182 -6.80 11.05 -2.41
N ARG A 184 -8.34 8.12 -2.74
CA ARG A 184 -9.04 7.23 -3.71
C ARG A 184 -8.79 7.72 -5.15
N THR A 185 -8.74 9.01 -5.36
CA THR A 185 -8.43 9.49 -6.72
C THR A 185 -6.96 9.16 -7.04
N GLU A 186 -6.09 9.36 -6.06
CA GLU A 186 -4.64 9.13 -6.27
C GLU A 186 -4.31 7.68 -6.58
N VAL A 187 -4.89 6.73 -5.85
CA VAL A 187 -4.55 5.33 -6.11
C VAL A 187 -5.07 4.84 -7.48
N ILE A 188 -6.30 5.19 -7.83
CA ILE A 188 -6.82 4.82 -9.14
C ILE A 188 -6.03 5.55 -10.24
N GLY A 189 -5.77 6.85 -10.04
CA GLY A 189 -4.95 7.62 -11.02
C GLY A 189 -3.54 6.99 -11.18
N GLY A 190 -2.89 6.70 -10.05
CA GLY A 190 -1.61 5.89 -10.08
C GLY A 190 -1.69 4.57 -10.84
N GLN A 191 -2.74 3.78 -10.62
CA GLN A 191 -2.93 2.55 -11.40
C GLN A 191 -3.16 2.76 -12.89
N LEU A 192 -3.89 3.83 -13.23
CA LEU A 192 -4.07 4.16 -14.64
C LEU A 192 -2.73 4.47 -15.30
N LEU A 193 -1.90 5.26 -14.62
CA LEU A 193 -0.58 5.60 -15.16
C LEU A 193 0.29 4.35 -15.35
N ASP A 194 0.20 3.43 -14.40
CA ASP A 194 0.96 2.15 -14.39
C ASP A 194 0.56 1.21 -15.54
N ILE A 195 -0.75 1.09 -15.77
CA ILE A 195 -1.31 0.35 -16.90
C ILE A 195 -0.77 0.87 -18.22
N TYR A 196 -0.67 2.19 -18.31
CA TYR A 196 -0.18 2.84 -19.50
C TYR A 196 1.29 2.44 -19.70
N LEU A 197 2.10 2.56 -18.64
CA LEU A 197 3.53 2.19 -18.80
C LEU A 197 3.70 0.75 -19.27
N GLU A 198 2.90 -0.16 -18.72
CA GLU A 198 3.00 -1.57 -19.08
C GLU A 198 2.54 -1.85 -20.48
N SER A 199 1.47 -1.17 -20.91
CA SER A 199 0.89 -1.40 -22.21
C SER A 199 1.75 -0.78 -23.32
N HIS A 200 2.41 0.35 -23.02
CA HIS A 200 3.26 1.05 -23.96
C HIS A 200 4.76 0.65 -23.82
N ALA A 201 5.00 -0.39 -23.02
CA ALA A 201 6.36 -0.81 -22.66
C ALA A 201 7.23 0.44 -22.52
N ASN A 202 6.76 1.40 -21.74
CA ASN A 202 7.40 2.70 -21.57
C ASN A 202 8.56 2.64 -20.54
N GLU A 203 9.67 3.33 -20.83
CA GLU A 203 10.88 3.18 -20.01
C GLU A 203 11.25 4.44 -19.22
N SER A 204 10.32 5.38 -19.06
CA SER A 204 10.62 6.63 -18.34
C SER A 204 10.79 6.35 -16.84
N VAL A 205 11.91 6.82 -16.28
CA VAL A 205 12.17 6.77 -14.82
C VAL A 205 11.19 7.69 -14.11
N GLU A 206 11.00 8.88 -14.72
CA GLU A 206 10.10 9.92 -14.22
C GLU A 206 8.67 9.43 -14.08
N LEU A 207 8.21 8.67 -15.07
CA LEU A 207 6.85 8.21 -15.02
C LEU A 207 6.67 7.09 -14.01
N ALA A 208 7.67 6.22 -13.89
CA ALA A 208 7.66 5.19 -12.86
C ALA A 208 7.65 5.84 -11.48
N ASP A 209 8.42 6.93 -11.31
CA ASP A 209 8.41 7.75 -10.06
C ASP A 209 6.99 8.25 -9.72
N SER A 210 6.27 8.74 -10.73
CA SER A 210 4.90 9.20 -10.53
C SER A 210 4.00 8.10 -10.06
N VAL A 211 4.13 6.93 -10.68
CA VAL A 211 3.35 5.78 -10.25
C VAL A 211 3.64 5.49 -8.75
N ASN A 212 4.94 5.48 -8.38
CA ASN A 212 5.28 5.22 -6.98
C ASN A 212 4.67 6.25 -6.01
N ARG A 213 4.71 7.53 -6.38
CA ARG A 213 4.20 8.64 -5.55
C ARG A 213 2.69 8.48 -5.24
N PHE A 214 1.94 8.04 -6.27
CA PHE A 214 0.45 8.05 -6.21
C PHE A 214 -0.12 6.67 -5.95
N LYS A 215 0.32 5.65 -6.70
CA LYS A 215 -0.22 4.32 -6.50
C LYS A 215 0.26 3.70 -5.18
N THR A 216 1.44 4.06 -4.73
CA THR A 216 1.95 3.47 -3.48
C THR A 216 2.08 4.45 -2.35
N ALA A 217 2.82 5.55 -2.51
CA ALA A 217 3.14 6.33 -1.32
C ALA A 217 1.88 7.03 -0.76
N ALA A 218 1.14 7.71 -1.63
CA ALA A 218 -0.10 8.41 -1.22
C ALA A 218 -1.08 7.39 -0.64
N TYR A 219 -1.22 6.29 -1.35
CA TYR A 219 -2.24 5.32 -1.04
C TYR A 219 -1.94 4.53 0.25
N THR A 220 -0.68 4.19 0.45
CA THR A 220 -0.35 3.18 1.47
C THR A 220 0.05 3.80 2.80
N ILE A 221 0.66 4.96 2.74
CA ILE A 221 1.19 5.57 3.92
C ILE A 221 0.75 6.98 4.17
N ALA A 222 0.97 7.87 3.20
CA ALA A 222 0.69 9.29 3.47
C ALA A 222 -0.78 9.59 3.71
N ARG A 223 -1.65 9.13 2.83
CA ARG A 223 -3.06 9.42 3.07
C ARG A 223 -3.67 8.66 4.27
N PRO A 224 -3.30 7.37 4.52
CA PRO A 224 -3.80 6.78 5.78
C PRO A 224 -3.38 7.62 7.00
N LEU A 225 -2.12 8.08 7.05
CA LEU A 225 -1.68 8.95 8.19
C LEU A 225 -2.54 10.19 8.26
N HIS A 226 -2.71 10.82 7.09
CA HIS A 226 -3.53 12.02 6.98
C HIS A 226 -4.95 11.75 7.49
N LEU A 227 -5.54 10.63 7.06
CA LEU A 227 -6.91 10.30 7.49
C LEU A 227 -7.01 10.18 9.03
N GLY A 228 -6.12 9.39 9.61
CA GLY A 228 -6.12 9.21 11.07
C GLY A 228 -5.90 10.52 11.80
N ALA A 229 -4.94 11.32 11.32
CA ALA A 229 -4.70 12.64 11.94
C ALA A 229 -5.88 13.59 11.84
N SER A 230 -6.57 13.58 10.69
CA SER A 230 -7.76 14.43 10.50
C SER A 230 -8.88 14.00 11.45
N ILE A 231 -9.03 12.70 11.65
CA ILE A 231 -10.09 12.19 12.58
C ILE A 231 -9.84 12.77 14.00
N ALA A 232 -8.56 12.84 14.37
CA ALA A 232 -8.13 13.33 15.70
C ALA A 232 -8.08 14.85 15.78
N GLY A 233 -8.28 15.54 14.66
CA GLY A 233 -8.32 17.01 14.69
C GLY A 233 -6.90 17.56 14.69
N GLY A 234 -5.97 16.82 14.10
CA GLY A 234 -4.53 17.19 14.03
C GLY A 234 -4.28 18.53 13.33
N SER A 235 -3.27 19.25 13.81
CA SER A 235 -2.95 20.56 13.28
C SER A 235 -2.39 20.45 11.86
N PRO A 236 -2.37 21.57 11.12
CA PRO A 236 -1.76 21.54 9.78
C PRO A 236 -0.26 21.24 9.84
N GLN A 237 0.41 21.63 10.92
CA GLN A 237 1.84 21.35 11.09
C GLN A 237 2.14 19.88 11.28
N LEU A 238 1.31 19.24 12.10
CA LEU A 238 1.47 17.82 12.34
C LEU A 238 1.13 17.04 11.06
N ILE A 239 0.01 17.38 10.43
CA ILE A 239 -0.37 16.72 9.18
C ILE A 239 0.74 16.88 8.11
N ASP A 240 1.34 18.08 8.05
CA ASP A 240 2.41 18.30 7.08
C ASP A 240 3.61 17.35 7.30
N ALA A 241 4.02 17.23 8.56
CA ALA A 241 5.13 16.33 8.90
C ALA A 241 4.84 14.88 8.55
N LEU A 242 3.61 14.42 8.89
CA LEU A 242 3.18 13.06 8.56
C LEU A 242 3.10 12.78 7.04
N LEU A 243 2.61 13.77 6.30
CA LEU A 243 2.49 13.63 4.86
C LEU A 243 3.87 13.56 4.20
N HIS A 244 4.83 14.31 4.73
CA HIS A 244 6.21 14.24 4.20
C HIS A 244 6.84 12.90 4.52
N TYR A 245 6.70 12.46 5.77
CA TYR A 245 7.09 11.10 6.12
C TYR A 245 6.46 10.07 5.20
N GLY A 246 5.18 10.17 4.97
CA GLY A 246 4.48 9.16 4.17
C GLY A 246 4.98 9.18 2.73
N HIS A 247 5.26 10.38 2.21
CA HIS A 247 5.72 10.50 0.81
C HIS A 247 7.09 9.78 0.67
N ASP A 248 8.03 10.12 1.55
CA ASP A 248 9.39 9.54 1.51
C ASP A 248 9.43 8.05 1.82
N ILE A 249 8.83 7.65 2.94
CA ILE A 249 8.79 6.25 3.29
C ILE A 249 7.94 5.42 2.28
N GLY A 250 6.85 5.99 1.77
CA GLY A 250 6.02 5.24 0.82
C GLY A 250 6.75 4.93 -0.48
N ILE A 251 7.49 5.93 -0.99
CA ILE A 251 8.29 5.69 -2.20
C ILE A 251 9.37 4.62 -1.88
N ALA A 252 10.09 4.78 -0.77
CA ALA A 252 11.11 3.80 -0.40
C ALA A 252 10.54 2.40 -0.27
N PHE A 253 9.32 2.29 0.31
CA PHE A 253 8.67 1.00 0.44
C PHE A 253 8.44 0.35 -0.94
N GLN A 254 7.94 1.11 -1.91
CA GLN A 254 7.72 0.53 -3.25
C GLN A 254 9.06 0.11 -3.88
N LEU A 255 10.05 0.95 -3.71
CA LEU A 255 11.42 0.58 -4.24
C LEU A 255 11.94 -0.71 -3.63
N ARG A 256 11.75 -0.87 -2.32
CA ARG A 256 12.14 -2.13 -1.65
C ARG A 256 11.34 -3.30 -2.22
N ASP A 257 10.03 -3.07 -2.41
CA ASP A 257 9.16 -4.10 -2.97
C ASP A 257 9.59 -4.50 -4.41
N ASP A 258 10.03 -3.51 -5.20
CA ASP A 258 10.56 -3.79 -6.54
C ASP A 258 11.82 -4.65 -6.45
N LEU A 259 12.73 -4.35 -5.51
CA LEU A 259 13.95 -5.17 -5.39
C LEU A 259 13.60 -6.58 -4.97
N LEU A 260 12.68 -6.71 -4.00
CA LEU A 260 12.23 -8.04 -3.58
C LEU A 260 11.55 -8.82 -4.71
N GLY A 261 10.82 -8.13 -5.59
CA GLY A 261 10.10 -8.80 -6.69
C GLY A 261 11.04 -9.37 -7.76
N VAL A 262 12.32 -8.97 -7.69
CA VAL A 262 13.33 -9.52 -8.59
C VAL A 262 14.32 -10.40 -7.81
N PHE A 263 14.83 -9.88 -6.69
CA PHE A 263 15.93 -10.53 -6.01
C PHE A 263 15.54 -11.26 -4.74
N GLY A 264 14.25 -11.20 -4.36
CA GLY A 264 13.88 -11.83 -3.09
C GLY A 264 13.46 -13.26 -3.22
N ASP A 265 13.70 -14.02 -2.15
CA ASP A 265 13.27 -15.41 -2.00
C ASP A 265 11.75 -15.52 -1.86
N PRO A 266 11.13 -16.55 -2.47
CA PRO A 266 9.66 -16.76 -2.35
C PRO A 266 9.18 -16.84 -0.90
N ALA A 267 10.02 -17.36 -0.02
CA ALA A 267 9.73 -17.37 1.43
C ALA A 267 9.44 -15.97 2.01
N ILE A 268 10.03 -14.93 1.41
CA ILE A 268 9.85 -13.56 1.87
C ILE A 268 8.69 -12.90 1.11
N THR A 269 8.61 -13.14 -0.20
CA THR A 269 7.65 -12.42 -1.05
C THR A 269 6.30 -13.13 -1.22
N GLY A 270 6.28 -14.44 -1.00
CA GLY A 270 5.08 -15.25 -1.26
C GLY A 270 4.69 -15.39 -2.72
N LYS A 271 5.61 -15.05 -3.62
CA LYS A 271 5.44 -15.29 -5.05
C LYS A 271 6.69 -16.02 -5.57
N PRO A 272 6.58 -16.64 -6.77
CA PRO A 272 7.77 -17.26 -7.34
C PRO A 272 8.89 -16.22 -7.55
N ALA A 273 10.14 -16.66 -7.46
CA ALA A 273 11.31 -15.81 -7.66
C ALA A 273 11.17 -15.05 -8.99
N GLY A 274 11.38 -13.73 -8.95
CA GLY A 274 11.43 -12.90 -10.16
C GLY A 274 10.11 -12.68 -10.84
N ASP A 275 9.03 -12.91 -10.09
CA ASP A 275 7.68 -12.68 -10.58
C ASP A 275 7.50 -11.37 -11.31
N ASP A 276 8.17 -10.32 -10.82
CA ASP A 276 8.07 -8.99 -11.45
C ASP A 276 8.66 -8.97 -12.85
N ILE A 277 9.63 -9.86 -13.12
CA ILE A 277 10.19 -9.99 -14.48
C ILE A 277 9.14 -10.65 -15.40
N ARG A 278 8.64 -11.81 -14.95
CA ARG A 278 7.60 -12.57 -15.64
C ARG A 278 6.36 -11.74 -15.95
N GLU A 279 6.00 -10.83 -15.04
CA GLU A 279 4.80 -10.01 -15.16
C GLU A 279 5.05 -8.72 -15.96
N GLY A 280 6.31 -8.40 -16.25
CA GLY A 280 6.64 -7.14 -16.95
C GLY A 280 6.37 -5.83 -16.23
N LYS A 281 6.56 -5.80 -14.91
CA LYS A 281 6.34 -4.55 -14.14
C LYS A 281 7.29 -3.44 -14.62
N ARG A 282 6.77 -2.23 -14.78
CA ARG A 282 7.61 -1.11 -15.21
C ARG A 282 8.16 -0.30 -14.03
N THR A 283 9.21 -0.86 -13.41
CA THR A 283 9.76 -0.33 -12.19
C THR A 283 10.83 0.74 -12.44
N VAL A 284 11.16 1.48 -11.40
CA VAL A 284 12.34 2.33 -11.42
C VAL A 284 13.62 1.50 -11.63
N LEU A 285 13.69 0.33 -10.98
CA LEU A 285 14.81 -0.62 -11.18
C LEU A 285 14.98 -0.95 -12.68
N LEU A 286 13.89 -1.37 -13.32
CA LEU A 286 13.95 -1.72 -14.74
C LEU A 286 14.31 -0.53 -15.63
N ALA A 287 13.76 0.65 -15.36
CA ALA A 287 14.06 1.82 -16.19
C ALA A 287 15.54 2.21 -16.10
N LEU A 288 16.06 2.23 -14.87
CA LEU A 288 17.47 2.49 -14.64
C LEU A 288 18.36 1.37 -15.23
N ALA A 289 17.93 0.10 -15.16
CA ALA A 289 18.72 -0.99 -15.75
C ALA A 289 18.87 -0.81 -17.27
N LEU A 290 17.80 -0.35 -17.92
CA LEU A 290 17.82 -0.18 -19.38
C LEU A 290 18.62 1.05 -19.75
N GLN A 291 18.44 2.13 -19.02
CA GLN A 291 19.26 3.35 -19.18
C GLN A 291 20.76 3.00 -19.18
N ARG A 292 21.16 2.23 -18.18
CA ARG A 292 22.55 1.85 -18.03
C ARG A 292 23.02 0.82 -19.05
N ALA A 293 22.22 -0.20 -19.31
CA ALA A 293 22.63 -1.29 -20.20
C ALA A 293 22.82 -0.80 -21.62
N ASP A 294 21.99 0.16 -22.03
CA ASP A 294 22.14 0.82 -23.35
C ASP A 294 23.54 1.40 -23.51
N LYS A 295 24.15 1.85 -22.40
CA LYS A 295 25.53 2.38 -22.38
C LYS A 295 26.63 1.32 -22.18
N GLN A 296 26.26 0.17 -21.63
CA GLN A 296 27.25 -0.87 -21.27
C GLN A 296 27.28 -2.11 -22.17
N SER A 297 26.13 -2.60 -22.60
CA SER A 297 26.06 -3.82 -23.37
C SER A 297 24.75 -3.86 -24.13
N PRO A 298 24.79 -3.43 -25.40
CA PRO A 298 23.61 -3.51 -26.27
C PRO A 298 22.96 -4.92 -26.29
N GLU A 299 23.78 -5.97 -26.33
CA GLU A 299 23.32 -7.37 -26.25
C GLU A 299 22.50 -7.59 -24.97
N ALA A 300 23.06 -7.18 -23.83
CA ALA A 300 22.35 -7.22 -22.54
C ALA A 300 21.05 -6.36 -22.54
N ALA A 301 21.13 -5.12 -23.04
CA ALA A 301 19.91 -4.27 -23.06
C ALA A 301 18.82 -4.94 -23.91
N THR A 302 19.24 -5.51 -25.04
CA THR A 302 18.33 -6.21 -25.96
C THR A 302 17.65 -7.41 -25.30
N ALA A 303 18.46 -8.25 -24.63
CA ALA A 303 17.99 -9.41 -23.87
C ALA A 303 17.00 -9.04 -22.76
N ILE A 304 17.27 -7.96 -22.01
CA ILE A 304 16.27 -7.45 -21.03
C ILE A 304 14.95 -6.99 -21.69
N ARG A 305 15.08 -6.15 -22.71
CA ARG A 305 13.91 -5.70 -23.48
C ARG A 305 13.07 -6.83 -24.06
N ALA A 306 13.74 -7.83 -24.62
CA ALA A 306 13.05 -8.94 -25.27
C ALA A 306 12.39 -9.84 -24.26
N GLY A 307 12.97 -9.90 -23.06
CA GLY A 307 12.56 -10.88 -22.07
C GLY A 307 11.48 -10.46 -21.09
N VAL A 308 11.47 -9.19 -20.67
CA VAL A 308 10.55 -8.76 -19.60
C VAL A 308 9.09 -8.85 -19.99
N GLY A 309 8.32 -9.53 -19.14
CA GLY A 309 6.88 -9.71 -19.35
C GLY A 309 6.57 -10.74 -20.41
N LYS A 310 7.61 -11.42 -20.88
CA LYS A 310 7.48 -12.40 -21.96
C LYS A 310 8.07 -13.77 -21.61
N VAL A 311 9.12 -13.79 -20.80
CA VAL A 311 9.70 -15.06 -20.37
C VAL A 311 8.93 -15.67 -19.19
N THR A 312 9.14 -16.97 -18.99
CA THR A 312 8.37 -17.78 -18.04
C THR A 312 9.24 -18.69 -17.17
N SER A 313 10.21 -19.36 -17.79
CA SER A 313 11.02 -20.34 -17.08
C SER A 313 11.95 -19.68 -16.04
N PRO A 314 12.17 -20.37 -14.90
CA PRO A 314 13.08 -19.86 -13.88
C PRO A 314 14.44 -19.48 -14.46
N GLU A 315 14.97 -20.33 -15.34
CA GLU A 315 16.26 -20.13 -16.01
C GLU A 315 16.31 -18.83 -16.83
N ASP A 316 15.32 -18.62 -17.70
CA ASP A 316 15.17 -17.37 -18.47
C ASP A 316 15.00 -16.13 -17.57
N ILE A 317 14.19 -16.28 -16.52
CA ILE A 317 14.00 -15.18 -15.57
C ILE A 317 15.33 -14.78 -14.89
N ALA A 318 16.08 -15.79 -14.49
CA ALA A 318 17.36 -15.59 -13.80
C ALA A 318 18.38 -14.88 -14.69
N VAL A 319 18.42 -15.27 -15.96
CA VAL A 319 19.37 -14.69 -16.92
C VAL A 319 19.07 -13.18 -17.10
N ILE A 320 17.80 -12.82 -17.22
CA ILE A 320 17.42 -11.40 -17.33
C ILE A 320 17.82 -10.68 -16.02
N THR A 321 17.53 -11.35 -14.91
CA THR A 321 17.82 -10.80 -13.60
C THR A 321 19.31 -10.49 -13.42
N GLU A 322 20.16 -11.43 -13.83
CA GLU A 322 21.62 -11.22 -13.76
C GLU A 322 22.07 -10.08 -14.68
N HIS A 323 21.44 -9.94 -15.86
CA HIS A 323 21.75 -8.82 -16.76
C HIS A 323 21.39 -7.51 -16.04
N ILE A 324 20.24 -7.46 -15.37
CA ILE A 324 19.85 -6.29 -14.59
C ILE A 324 20.87 -5.98 -13.49
N ARG A 325 21.24 -6.97 -12.69
CA ARG A 325 22.25 -6.78 -11.65
C ARG A 325 23.57 -6.21 -12.20
N ALA A 326 24.02 -6.73 -13.34
CA ALA A 326 25.33 -6.33 -13.89
C ALA A 326 25.35 -4.85 -14.29
N THR A 327 24.17 -4.23 -14.46
CA THR A 327 24.10 -2.83 -14.85
C THR A 327 24.49 -1.87 -13.72
N GLY A 328 24.44 -2.33 -12.47
CA GLY A 328 24.62 -1.41 -11.33
C GLY A 328 23.32 -0.74 -10.85
N ALA A 329 22.20 -1.01 -11.51
CA ALA A 329 20.94 -0.34 -11.17
C ALA A 329 20.48 -0.71 -9.76
N GLU A 330 20.71 -1.95 -9.32
CA GLU A 330 20.28 -2.36 -7.97
C GLU A 330 20.88 -1.46 -6.87
N GLU A 331 22.19 -1.21 -6.94
CA GLU A 331 22.80 -0.27 -6.01
C GLU A 331 22.27 1.14 -6.10
N GLU A 332 21.95 1.63 -7.30
CA GLU A 332 21.35 2.95 -7.41
C GLU A 332 19.95 2.99 -6.71
N VAL A 333 19.17 1.94 -6.87
CA VAL A 333 17.90 1.88 -6.14
C VAL A 333 18.09 1.81 -4.61
N GLU A 334 19.04 0.99 -4.16
CA GLU A 334 19.36 0.89 -2.73
CA GLU A 334 19.38 0.90 -2.74
C GLU A 334 19.78 2.25 -2.15
N GLN A 335 20.58 3.02 -2.90
CA GLN A 335 20.95 4.38 -2.46
C GLN A 335 19.72 5.29 -2.31
N ARG A 336 18.80 5.22 -3.25
CA ARG A 336 17.56 6.02 -3.17
C ARG A 336 16.75 5.63 -1.93
N ILE A 337 16.67 4.32 -1.65
CA ILE A 337 15.92 3.81 -0.48
C ILE A 337 16.55 4.39 0.80
N SER A 338 17.88 4.35 0.86
CA SER A 338 18.60 4.87 2.03
CA SER A 338 18.59 4.87 2.03
C SER A 338 18.32 6.35 2.25
N GLN A 339 18.42 7.13 1.18
CA GLN A 339 18.23 8.58 1.21
C GLN A 339 16.80 8.91 1.68
N LEU A 340 15.83 8.25 1.07
CA LEU A 340 14.42 8.47 1.40
C LEU A 340 14.04 8.03 2.81
N THR A 341 14.67 6.95 3.27
CA THR A 341 14.40 6.49 4.62
C THR A 341 14.92 7.53 5.63
N GLU A 342 16.13 8.01 5.38
CA GLU A 342 16.69 9.04 6.23
C GLU A 342 15.85 10.34 6.27
N SER A 343 15.43 10.84 5.10
CA SER A 343 14.67 12.07 5.05
C SER A 343 13.24 11.88 5.61
N GLY A 344 12.62 10.73 5.34
CA GLY A 344 11.28 10.46 5.89
C GLY A 344 11.31 10.45 7.41
N LEU A 345 12.28 9.77 8.00
CA LEU A 345 12.39 9.74 9.46
C LEU A 345 12.61 11.12 10.06
N ALA A 346 13.44 11.92 9.38
CA ALA A 346 13.78 13.28 9.85
C ALA A 346 12.54 14.16 9.97
N HIS A 347 11.60 13.97 9.05
CA HIS A 347 10.32 14.67 9.12
C HIS A 347 9.55 14.50 10.42
N LEU A 348 9.70 13.36 11.09
CA LEU A 348 9.05 13.15 12.39
C LEU A 348 9.60 14.02 13.55
N ASP A 349 10.79 14.55 13.38
CA ASP A 349 11.40 15.39 14.42
C ASP A 349 10.94 16.82 14.29
N ASP A 350 10.14 17.10 13.28
CA ASP A 350 9.77 18.48 12.94
C ASP A 350 8.55 19.00 13.70
N VAL A 351 7.90 18.11 14.45
CA VAL A 351 6.73 18.50 15.23
C VAL A 351 6.73 17.61 16.46
N ASP A 352 5.96 17.97 17.48
CA ASP A 352 5.87 17.16 18.66
C ASP A 352 4.91 16.00 18.46
N ILE A 353 5.41 14.79 18.70
CA ILE A 353 4.61 13.54 18.60
C ILE A 353 4.91 12.74 19.88
N PRO A 354 3.88 12.10 20.48
CA PRO A 354 4.20 11.34 21.71
C PRO A 354 5.37 10.40 21.44
N ASP A 355 6.25 10.22 22.42
CA ASP A 355 7.49 9.41 22.25
C ASP A 355 7.25 8.03 21.67
N GLU A 356 6.26 7.34 22.22
CA GLU A 356 5.98 5.96 21.85
C GLU A 356 5.46 5.86 20.40
N VAL A 357 4.66 6.85 19.99
CA VAL A 357 4.16 6.88 18.62
C VAL A 357 5.30 7.14 17.62
N ARG A 358 6.18 8.11 17.95
CA ARG A 358 7.34 8.39 17.11
C ARG A 358 8.19 7.13 16.93
N ALA A 359 8.46 6.46 18.07
CA ALA A 359 9.26 5.24 18.08
C ALA A 359 8.68 4.20 17.15
N GLN A 360 7.38 4.02 17.24
CA GLN A 360 6.75 3.04 16.37
C GLN A 360 6.68 3.48 14.90
N LEU A 361 6.50 4.77 14.63
CA LEU A 361 6.58 5.24 13.22
C LEU A 361 7.99 5.03 12.65
N ARG A 362 9.01 5.22 13.47
CA ARG A 362 10.38 4.92 13.01
C ARG A 362 10.54 3.43 12.72
N ALA A 363 10.09 2.59 13.65
CA ALA A 363 10.18 1.14 13.47
C ALA A 363 9.40 0.65 12.25
N LEU A 364 8.20 1.19 12.04
CA LEU A 364 7.41 0.82 10.87
C LEU A 364 8.10 1.15 9.56
N ALA A 365 8.77 2.30 9.53
CA ALA A 365 9.48 2.75 8.35
C ALA A 365 10.65 1.83 8.08
N ILE A 366 11.39 1.50 9.13
CA ILE A 366 12.56 0.64 9.00
C ILE A 366 12.18 -0.77 8.54
N ARG A 367 11.14 -1.35 9.14
CA ARG A 367 10.58 -2.62 8.63
CA ARG A 367 10.50 -2.58 8.64
C ARG A 367 10.17 -2.49 7.15
N SER A 368 9.45 -1.42 6.78
CA SER A 368 8.93 -1.24 5.41
C SER A 368 10.00 -1.13 4.30
N THR A 369 11.13 -0.51 4.65
CA THR A 369 12.11 -0.10 3.65
C THR A 369 13.45 -0.81 3.82
N GLU A 370 13.72 -1.27 5.06
CA GLU A 370 15.05 -1.71 5.56
C GLU A 370 16.25 -0.92 5.02
#